data_2M2Y
#
_entry.id   2M2Y
#
_entity_poly.entity_id   1
_entity_poly.type   'polypeptide(L)'
_entity_poly.pdbx_seq_one_letter_code
;RCVCRRGVCRCVCRRGVC
;
_entity_poly.pdbx_strand_id   A
#
# COMPACT_ATOMS: atom_id res chain seq x y z
N ARG A 1 -2.70 5.03 2.22
CA ARG A 1 -1.60 4.92 1.29
C ARG A 1 -1.36 3.48 0.87
N CYS A 2 -1.84 3.14 -0.29
CA CYS A 2 -1.59 1.85 -0.86
C CYS A 2 -0.87 2.04 -2.19
N VAL A 3 0.13 1.23 -2.43
CA VAL A 3 0.95 1.38 -3.59
C VAL A 3 0.53 0.36 -4.61
N CYS A 4 0.11 0.82 -5.74
CA CYS A 4 -0.30 -0.07 -6.77
C CYS A 4 0.69 -0.04 -7.89
N ARG A 5 1.03 -1.21 -8.34
CA ARG A 5 1.95 -1.41 -9.42
C ARG A 5 1.34 -2.36 -10.41
N ARG A 6 0.77 -1.79 -11.46
CA ARG A 6 0.15 -2.53 -12.56
C ARG A 6 -0.98 -3.44 -12.03
N GLY A 7 -1.80 -2.88 -11.18
CA GLY A 7 -2.90 -3.59 -10.62
C GLY A 7 -2.58 -4.27 -9.31
N VAL A 8 -1.30 -4.47 -9.04
CA VAL A 8 -0.89 -5.11 -7.80
C VAL A 8 -0.81 -4.06 -6.71
N CYS A 9 -1.80 -4.03 -5.86
CA CYS A 9 -1.85 -3.05 -4.79
C CYS A 9 -1.37 -3.63 -3.49
N ARG A 10 -0.38 -3.01 -2.91
CA ARG A 10 0.14 -3.43 -1.65
C ARG A 10 0.23 -2.22 -0.77
N CYS A 11 -0.29 -2.30 0.41
CA CYS A 11 -0.33 -1.17 1.25
C CYS A 11 0.89 -1.11 2.14
N VAL A 12 1.69 -0.12 1.91
CA VAL A 12 2.85 0.11 2.71
C VAL A 12 2.43 1.06 3.79
N CYS A 13 2.04 0.49 4.88
CA CYS A 13 1.54 1.23 5.97
C CYS A 13 2.65 1.63 6.90
N ARG A 14 2.41 2.64 7.67
CA ARG A 14 3.34 3.08 8.65
C ARG A 14 2.87 2.52 9.97
N ARG A 15 3.26 1.27 10.20
CA ARG A 15 2.91 0.46 11.36
C ARG A 15 1.43 0.68 11.81
N GLY A 16 0.51 0.33 10.95
CA GLY A 16 -0.89 0.46 11.28
C GLY A 16 -1.53 1.67 10.64
N VAL A 17 -0.72 2.64 10.26
CA VAL A 17 -1.21 3.81 9.60
C VAL A 17 -1.07 3.60 8.12
N CYS A 18 -2.07 3.00 7.57
CA CYS A 18 -2.14 2.69 6.15
C CYS A 18 -2.62 3.91 5.36
N ARG A 1 -1.01 3.89 2.95
CA ARG A 1 -1.31 4.26 1.57
C ARG A 1 -1.19 3.04 0.69
N CYS A 2 -2.16 2.82 -0.14
CA CYS A 2 -2.14 1.70 -1.02
C CYS A 2 -1.72 2.13 -2.41
N VAL A 3 -0.71 1.48 -2.92
CA VAL A 3 -0.13 1.83 -4.20
C VAL A 3 -0.42 0.74 -5.18
N CYS A 4 -1.07 1.06 -6.25
CA CYS A 4 -1.35 0.09 -7.26
C CYS A 4 -0.40 0.29 -8.39
N ARG A 5 0.34 -0.71 -8.63
CA ARG A 5 1.36 -0.72 -9.63
C ARG A 5 1.45 -2.11 -10.21
N ARG A 6 1.55 -2.21 -11.53
CA ARG A 6 1.70 -3.49 -12.23
C ARG A 6 0.45 -4.37 -12.01
N GLY A 7 -0.65 -3.71 -11.77
CA GLY A 7 -1.89 -4.36 -11.56
C GLY A 7 -2.09 -4.87 -10.14
N VAL A 8 -1.14 -4.66 -9.26
CA VAL A 8 -1.27 -5.12 -7.89
C VAL A 8 -1.27 -3.92 -6.94
N CYS A 9 -2.07 -3.97 -5.92
CA CYS A 9 -2.13 -2.92 -4.95
C CYS A 9 -1.43 -3.36 -3.68
N ARG A 10 -0.35 -2.68 -3.37
CA ARG A 10 0.47 -2.99 -2.22
C ARG A 10 0.22 -1.89 -1.21
N CYS A 11 -0.17 -2.23 -0.02
CA CYS A 11 -0.42 -1.22 0.95
C CYS A 11 0.75 -0.99 1.84
N VAL A 12 1.26 0.19 1.72
CA VAL A 12 2.38 0.63 2.48
C VAL A 12 1.85 1.30 3.73
N CYS A 13 2.19 0.78 4.84
CA CYS A 13 1.71 1.26 6.10
C CYS A 13 2.81 1.16 7.12
N ARG A 14 2.65 1.89 8.16
CA ARG A 14 3.61 1.94 9.23
C ARG A 14 2.94 1.56 10.52
N ARG A 15 2.77 0.24 10.68
CA ARG A 15 2.20 -0.40 11.83
C ARG A 15 0.94 0.33 12.36
N GLY A 16 0.03 0.58 11.46
CA GLY A 16 -1.18 1.26 11.82
C GLY A 16 -1.31 2.60 11.15
N VAL A 17 -0.19 3.24 10.87
CA VAL A 17 -0.21 4.53 10.18
C VAL A 17 -0.22 4.23 8.69
N CYS A 18 -1.37 3.88 8.24
CA CYS A 18 -1.59 3.50 6.87
C CYS A 18 -2.03 4.71 6.07
N ARG A 1 1.00 4.11 3.10
CA ARG A 1 1.02 4.26 1.64
C ARG A 1 0.84 2.94 0.93
N CYS A 2 -0.35 2.69 0.44
CA CYS A 2 -0.57 1.52 -0.39
C CYS A 2 -0.75 1.98 -1.82
N VAL A 3 0.08 1.50 -2.72
CA VAL A 3 0.01 1.91 -4.10
C VAL A 3 -0.25 0.71 -4.96
N CYS A 4 -1.33 0.73 -5.69
CA CYS A 4 -1.66 -0.34 -6.57
C CYS A 4 -1.51 0.09 -8.00
N ARG A 5 -0.69 -0.62 -8.69
CA ARG A 5 -0.39 -0.38 -10.06
C ARG A 5 -0.67 -1.63 -10.85
N ARG A 6 -1.64 -1.54 -11.75
CA ARG A 6 -2.06 -2.63 -12.62
C ARG A 6 -2.52 -3.85 -11.80
N GLY A 7 -3.17 -3.56 -10.68
CA GLY A 7 -3.66 -4.59 -9.82
C GLY A 7 -2.66 -5.03 -8.76
N VAL A 8 -1.41 -4.65 -8.94
CA VAL A 8 -0.36 -5.05 -8.01
C VAL A 8 -0.21 -3.99 -6.94
N CYS A 9 -0.48 -4.36 -5.73
CA CYS A 9 -0.42 -3.45 -4.62
C CYS A 9 0.86 -3.61 -3.84
N ARG A 10 1.55 -2.52 -3.67
CA ARG A 10 2.73 -2.44 -2.88
C ARG A 10 2.44 -1.44 -1.79
N CYS A 11 2.52 -1.86 -0.58
CA CYS A 11 2.15 -0.98 0.47
C CYS A 11 3.17 -0.98 1.58
N VAL A 12 3.32 0.16 2.18
CA VAL A 12 4.09 0.36 3.37
C VAL A 12 3.13 0.99 4.36
N CYS A 13 3.03 0.43 5.52
CA CYS A 13 2.03 0.90 6.44
C CYS A 13 2.64 1.79 7.50
N ARG A 14 1.79 2.45 8.21
CA ARG A 14 2.19 3.37 9.23
C ARG A 14 1.40 3.06 10.47
N ARG A 15 1.85 2.01 11.16
CA ARG A 15 1.28 1.49 12.39
C ARG A 15 -0.28 1.52 12.38
N GLY A 16 -0.86 0.83 11.42
CA GLY A 16 -2.29 0.78 11.34
C GLY A 16 -2.86 1.54 10.18
N VAL A 17 -2.24 2.66 9.84
CA VAL A 17 -2.75 3.45 8.76
C VAL A 17 -1.91 3.18 7.54
N CYS A 18 -2.33 2.18 6.86
CA CYS A 18 -1.65 1.69 5.70
C CYS A 18 -2.14 2.46 4.48
N ARG A 1 -0.98 4.75 2.73
CA ARG A 1 -1.70 4.37 1.53
C ARG A 1 -1.14 3.06 0.98
N CYS A 2 -2.01 2.19 0.52
CA CYS A 2 -1.58 1.01 -0.19
C CYS A 2 -1.30 1.46 -1.63
N VAL A 3 -0.27 0.96 -2.25
CA VAL A 3 0.10 1.49 -3.54
C VAL A 3 -0.08 0.46 -4.63
N CYS A 4 -0.81 0.81 -5.63
CA CYS A 4 -1.02 -0.07 -6.72
C CYS A 4 -0.24 0.42 -7.90
N ARG A 5 0.45 -0.49 -8.51
CA ARG A 5 1.23 -0.22 -9.67
C ARG A 5 0.86 -1.21 -10.77
N ARG A 6 0.12 -0.70 -11.75
CA ARG A 6 -0.34 -1.48 -12.90
C ARG A 6 -1.10 -2.74 -12.42
N GLY A 7 -2.01 -2.50 -11.48
CA GLY A 7 -2.84 -3.54 -10.95
C GLY A 7 -2.24 -4.25 -9.75
N VAL A 8 -0.95 -4.11 -9.54
CA VAL A 8 -0.29 -4.77 -8.44
C VAL A 8 -0.39 -3.90 -7.20
N CYS A 9 -1.27 -4.26 -6.31
CA CYS A 9 -1.47 -3.52 -5.09
C CYS A 9 -0.60 -4.06 -3.98
N ARG A 10 0.25 -3.20 -3.47
CA ARG A 10 1.18 -3.54 -2.45
C ARG A 10 0.92 -2.63 -1.29
N CYS A 11 0.59 -3.19 -0.18
CA CYS A 11 0.29 -2.39 0.94
C CYS A 11 1.18 -2.75 2.08
N VAL A 12 1.69 -1.75 2.70
CA VAL A 12 2.56 -1.88 3.82
C VAL A 12 2.23 -0.75 4.77
N CYS A 13 1.92 -1.11 5.97
CA CYS A 13 1.55 -0.14 6.94
C CYS A 13 2.75 0.43 7.60
N ARG A 14 2.60 1.62 7.98
CA ARG A 14 3.59 2.32 8.71
C ARG A 14 2.91 2.98 9.90
N ARG A 15 2.82 2.18 10.96
CA ARG A 15 2.30 2.52 12.26
C ARG A 15 1.09 3.46 12.23
N GLY A 16 -0.02 2.88 11.85
CA GLY A 16 -1.25 3.63 11.80
C GLY A 16 -1.60 4.05 10.40
N VAL A 17 -0.60 4.09 9.56
CA VAL A 17 -0.79 4.47 8.19
C VAL A 17 -0.75 3.25 7.31
N CYS A 18 -1.89 2.69 7.10
CA CYS A 18 -2.05 1.62 6.15
C CYS A 18 -2.63 2.21 4.88
N ARG A 1 -2.24 6.24 0.57
CA ARG A 1 -0.84 5.82 0.76
C ARG A 1 -0.62 4.38 0.29
N CYS A 2 -0.73 4.15 -0.97
CA CYS A 2 -0.59 2.81 -1.46
C CYS A 2 0.03 2.80 -2.84
N VAL A 3 0.80 1.76 -3.13
CA VAL A 3 1.45 1.64 -4.40
C VAL A 3 0.81 0.50 -5.14
N CYS A 4 0.06 0.81 -6.15
CA CYS A 4 -0.59 -0.18 -6.93
C CYS A 4 0.03 -0.24 -8.28
N ARG A 5 0.55 -1.36 -8.60
CA ARG A 5 1.21 -1.60 -9.85
C ARG A 5 0.63 -2.81 -10.52
N ARG A 6 -0.10 -2.58 -11.58
CA ARG A 6 -0.68 -3.63 -12.42
C ARG A 6 -1.66 -4.50 -11.62
N GLY A 7 -2.32 -3.87 -10.69
CA GLY A 7 -3.28 -4.52 -9.87
C GLY A 7 -2.76 -4.82 -8.48
N VAL A 8 -1.46 -4.92 -8.36
CA VAL A 8 -0.87 -5.29 -7.09
C VAL A 8 -0.68 -4.05 -6.22
N CYS A 9 -1.47 -3.96 -5.18
CA CYS A 9 -1.40 -2.85 -4.26
C CYS A 9 -0.61 -3.21 -3.02
N ARG A 10 0.46 -2.51 -2.81
CA ARG A 10 1.24 -2.67 -1.64
C ARG A 10 1.16 -1.35 -0.93
N CYS A 11 0.42 -1.33 0.12
CA CYS A 11 0.16 -0.11 0.77
C CYS A 11 1.24 0.23 1.78
N VAL A 12 1.78 1.42 1.65
CA VAL A 12 2.82 1.85 2.54
C VAL A 12 2.19 2.38 3.82
N CYS A 13 2.05 1.50 4.74
CA CYS A 13 1.49 1.80 6.00
C CYS A 13 2.60 1.81 7.00
N ARG A 14 2.35 2.37 8.12
CA ARG A 14 3.33 2.35 9.16
C ARG A 14 2.69 1.68 10.35
N ARG A 15 3.08 0.43 10.57
CA ARG A 15 2.58 -0.43 11.63
C ARG A 15 1.05 -0.32 11.83
N GLY A 16 0.31 -0.78 10.84
CA GLY A 16 -1.14 -0.78 10.94
C GLY A 16 -1.78 0.51 10.47
N VAL A 17 -1.02 1.60 10.43
CA VAL A 17 -1.55 2.87 10.01
C VAL A 17 -1.60 2.93 8.49
N CYS A 18 -2.66 2.39 7.98
CA CYS A 18 -2.97 2.41 6.57
C CYS A 18 -3.98 3.49 6.30
N ARG A 1 -0.88 3.05 3.07
CA ARG A 1 -0.30 3.63 1.86
C ARG A 1 -0.46 2.61 0.75
N CYS A 2 -1.59 2.65 0.08
CA CYS A 2 -1.90 1.68 -0.95
C CYS A 2 -1.52 2.20 -2.32
N VAL A 3 -0.75 1.42 -3.06
CA VAL A 3 -0.32 1.82 -4.39
C VAL A 3 -0.55 0.66 -5.35
N CYS A 4 -1.18 0.94 -6.46
CA CYS A 4 -1.36 -0.05 -7.48
C CYS A 4 -0.57 0.36 -8.69
N ARG A 5 0.21 -0.54 -9.17
CA ARG A 5 1.05 -0.30 -10.29
C ARG A 5 1.08 -1.52 -11.19
N ARG A 6 0.54 -1.34 -12.38
CA ARG A 6 0.49 -2.36 -13.44
C ARG A 6 -0.14 -3.68 -12.94
N GLY A 7 -1.24 -3.52 -12.23
CA GLY A 7 -1.96 -4.67 -11.74
C GLY A 7 -1.60 -5.05 -10.32
N VAL A 8 -0.45 -4.63 -9.85
CA VAL A 8 0.01 -5.00 -8.52
C VAL A 8 -0.40 -3.96 -7.50
N CYS A 9 -1.19 -4.35 -6.55
CA CYS A 9 -1.62 -3.47 -5.50
C CYS A 9 -0.92 -3.83 -4.21
N ARG A 10 -0.12 -2.94 -3.72
CA ARG A 10 0.61 -3.16 -2.53
C ARG A 10 0.31 -2.04 -1.58
N CYS A 11 -0.12 -2.38 -0.41
CA CYS A 11 -0.42 -1.39 0.53
C CYS A 11 0.40 -1.57 1.75
N VAL A 12 1.22 -0.61 1.95
CA VAL A 12 2.15 -0.61 3.04
C VAL A 12 1.55 0.17 4.17
N CYS A 13 1.49 -0.44 5.31
CA CYS A 13 1.07 0.20 6.48
C CYS A 13 2.22 0.25 7.46
N ARG A 14 2.07 1.09 8.41
CA ARG A 14 3.00 1.27 9.49
C ARG A 14 2.15 1.24 10.72
N ARG A 15 2.70 0.97 11.89
CA ARG A 15 1.93 0.88 13.11
C ARG A 15 1.68 2.28 13.64
N GLY A 16 0.93 2.97 12.88
CA GLY A 16 0.55 4.33 13.13
C GLY A 16 0.00 4.98 11.87
N VAL A 17 0.30 4.38 10.70
CA VAL A 17 -0.12 4.89 9.41
C VAL A 17 -0.65 3.73 8.58
N CYS A 18 -1.93 3.53 8.57
CA CYS A 18 -2.54 2.51 7.77
C CYS A 18 -3.89 3.00 7.33
N ARG A 1 -1.61 4.77 2.33
CA ARG A 1 -0.81 4.97 1.12
C ARG A 1 -0.41 3.64 0.55
N CYS A 2 -0.54 3.47 -0.73
CA CYS A 2 -0.30 2.21 -1.36
C CYS A 2 0.21 2.41 -2.77
N VAL A 3 1.05 1.50 -3.23
CA VAL A 3 1.60 1.55 -4.56
C VAL A 3 0.89 0.52 -5.40
N CYS A 4 0.19 0.94 -6.41
CA CYS A 4 -0.48 0.00 -7.26
C CYS A 4 -0.01 0.15 -8.70
N ARG A 5 0.31 -0.95 -9.28
CA ARG A 5 0.75 -1.02 -10.64
C ARG A 5 -0.01 -2.13 -11.35
N ARG A 6 -1.03 -1.72 -12.07
CA ARG A 6 -1.90 -2.58 -12.85
C ARG A 6 -2.42 -3.79 -12.05
N GLY A 7 -3.09 -3.50 -10.97
CA GLY A 7 -3.67 -4.50 -10.16
C GLY A 7 -2.75 -4.98 -9.07
N VAL A 8 -1.47 -4.75 -9.23
CA VAL A 8 -0.50 -5.18 -8.26
C VAL A 8 -0.36 -4.09 -7.22
N CYS A 9 -0.92 -4.30 -6.06
CA CYS A 9 -0.83 -3.33 -5.01
C CYS A 9 0.13 -3.77 -3.93
N ARG A 10 0.88 -2.84 -3.46
CA ARG A 10 1.77 -3.03 -2.36
C ARG A 10 1.56 -1.86 -1.44
N CYS A 11 0.77 -2.09 -0.45
CA CYS A 11 0.39 -1.07 0.46
C CYS A 11 1.35 -1.02 1.62
N VAL A 12 1.76 0.18 2.00
CA VAL A 12 2.70 0.37 3.06
C VAL A 12 1.97 0.90 4.30
N CYS A 13 2.40 0.50 5.46
CA CYS A 13 1.74 0.92 6.68
C CYS A 13 2.70 1.66 7.56
N ARG A 14 2.14 2.41 8.46
CA ARG A 14 2.88 3.21 9.39
C ARG A 14 2.29 2.96 10.77
N ARG A 15 2.67 1.82 11.36
CA ARG A 15 2.26 1.35 12.68
C ARG A 15 0.81 1.68 13.03
N GLY A 16 -0.09 1.03 12.35
CA GLY A 16 -1.49 1.23 12.58
C GLY A 16 -2.13 2.00 11.47
N VAL A 17 -1.38 2.89 10.86
CA VAL A 17 -1.88 3.70 9.77
C VAL A 17 -1.53 2.97 8.50
N CYS A 18 -2.33 2.01 8.19
CA CYS A 18 -2.14 1.19 7.04
C CYS A 18 -3.04 1.66 5.92
N ARG A 1 0.53 5.13 1.81
CA ARG A 1 -0.42 5.12 0.69
C ARG A 1 -0.54 3.70 0.15
N CYS A 2 -1.66 3.40 -0.46
CA CYS A 2 -1.87 2.13 -1.12
C CYS A 2 -1.77 2.38 -2.61
N VAL A 3 -0.88 1.69 -3.29
CA VAL A 3 -0.62 1.98 -4.69
C VAL A 3 -0.74 0.71 -5.52
N CYS A 4 -1.41 0.81 -6.63
CA CYS A 4 -1.51 -0.29 -7.54
C CYS A 4 -0.76 0.05 -8.79
N ARG A 5 0.00 -0.89 -9.28
CA ARG A 5 0.77 -0.70 -10.46
C ARG A 5 0.79 -2.01 -11.24
N ARG A 6 0.30 -1.96 -12.47
CA ARG A 6 0.27 -3.08 -13.41
C ARG A 6 -0.27 -4.39 -12.76
N GLY A 7 -1.38 -4.26 -12.08
CA GLY A 7 -2.03 -5.41 -11.53
C GLY A 7 -1.52 -5.86 -10.19
N VAL A 8 -0.67 -5.10 -9.55
CA VAL A 8 -0.27 -5.43 -8.18
C VAL A 8 -0.51 -4.24 -7.27
N CYS A 9 -1.14 -4.47 -6.15
CA CYS A 9 -1.43 -3.43 -5.21
C CYS A 9 -0.60 -3.61 -3.96
N ARG A 10 0.17 -2.62 -3.62
CA ARG A 10 0.99 -2.70 -2.47
C ARG A 10 0.76 -1.47 -1.64
N CYS A 11 0.40 -1.67 -0.42
CA CYS A 11 0.15 -0.60 0.44
C CYS A 11 1.14 -0.60 1.54
N VAL A 12 1.68 0.54 1.80
CA VAL A 12 2.68 0.69 2.79
C VAL A 12 2.12 1.42 4.01
N CYS A 13 1.81 0.65 5.01
CA CYS A 13 1.29 1.14 6.21
C CYS A 13 2.20 0.74 7.34
N ARG A 14 2.01 1.35 8.45
CA ARG A 14 2.73 1.06 9.64
C ARG A 14 1.71 0.58 10.62
N ARG A 15 2.14 -0.18 11.60
CA ARG A 15 1.28 -0.77 12.60
C ARG A 15 0.97 0.30 13.65
N GLY A 16 0.31 1.28 13.18
CA GLY A 16 -0.08 2.42 13.95
C GLY A 16 -0.58 3.54 13.07
N VAL A 17 -0.22 3.50 11.78
CA VAL A 17 -0.61 4.51 10.84
C VAL A 17 -0.61 3.91 9.43
N CYS A 18 -1.76 3.78 8.88
CA CYS A 18 -1.94 3.21 7.57
C CYS A 18 -2.47 4.29 6.64
N ARG A 1 -0.07 7.10 0.09
CA ARG A 1 -0.15 6.68 -1.30
C ARG A 1 -0.08 5.16 -1.39
N CYS A 2 -1.00 4.57 -2.10
CA CYS A 2 -0.94 3.16 -2.36
C CYS A 2 -0.23 2.97 -3.69
N VAL A 3 0.64 2.01 -3.75
CA VAL A 3 1.43 1.77 -4.93
C VAL A 3 0.88 0.59 -5.67
N CYS A 4 0.44 0.83 -6.87
CA CYS A 4 -0.09 -0.23 -7.69
C CYS A 4 0.95 -0.65 -8.70
N ARG A 5 1.15 -1.93 -8.80
CA ARG A 5 2.06 -2.53 -9.73
C ARG A 5 1.44 -3.81 -10.23
N ARG A 6 1.20 -3.90 -11.54
CA ARG A 6 0.61 -5.07 -12.19
C ARG A 6 -0.82 -5.27 -11.67
N GLY A 7 -1.44 -4.17 -11.33
CA GLY A 7 -2.78 -4.17 -10.84
C GLY A 7 -2.88 -4.42 -9.34
N VAL A 8 -1.76 -4.71 -8.71
CA VAL A 8 -1.75 -4.98 -7.29
C VAL A 8 -1.38 -3.73 -6.53
N CYS A 9 -2.31 -3.23 -5.77
CA CYS A 9 -2.12 -2.03 -5.01
C CYS A 9 -1.75 -2.35 -3.57
N ARG A 10 -0.60 -1.89 -3.18
CA ARG A 10 -0.10 -2.07 -1.85
C ARG A 10 -0.06 -0.73 -1.16
N CYS A 11 -0.75 -0.61 -0.07
CA CYS A 11 -0.81 0.61 0.64
C CYS A 11 0.24 0.61 1.73
N VAL A 12 0.99 1.68 1.81
CA VAL A 12 2.05 1.79 2.78
C VAL A 12 1.48 2.08 4.16
N CYS A 13 1.37 1.05 4.96
CA CYS A 13 0.89 1.20 6.31
C CYS A 13 1.94 1.89 7.14
N ARG A 14 1.52 2.42 8.22
CA ARG A 14 2.36 3.21 9.06
C ARG A 14 2.57 2.47 10.35
N ARG A 15 3.33 1.38 10.24
CA ARG A 15 3.73 0.50 11.33
C ARG A 15 2.58 0.25 12.32
N GLY A 16 1.58 -0.45 11.87
CA GLY A 16 0.45 -0.77 12.71
C GLY A 16 -0.75 0.08 12.40
N VAL A 17 -0.52 1.28 11.90
CA VAL A 17 -1.62 2.18 11.59
C VAL A 17 -1.95 1.98 10.14
N CYS A 18 -2.68 0.92 9.89
CA CYS A 18 -3.04 0.54 8.55
C CYS A 18 -4.47 0.98 8.28
N ARG A 1 0.67 6.69 0.49
CA ARG A 1 -0.33 6.58 -0.56
C ARG A 1 -0.32 5.13 -1.02
N CYS A 2 -1.47 4.52 -1.12
CA CYS A 2 -1.55 3.17 -1.63
C CYS A 2 -1.31 3.19 -3.12
N VAL A 3 -0.32 2.43 -3.56
CA VAL A 3 0.11 2.42 -4.94
C VAL A 3 -0.20 1.06 -5.55
N CYS A 4 -0.71 1.05 -6.75
CA CYS A 4 -1.01 -0.20 -7.41
C CYS A 4 -0.15 -0.35 -8.63
N ARG A 5 0.47 -1.48 -8.71
CA ARG A 5 1.36 -1.81 -9.78
C ARG A 5 1.04 -3.22 -10.22
N ARG A 6 0.53 -3.38 -11.45
CA ARG A 6 0.14 -4.69 -12.01
C ARG A 6 -0.99 -5.30 -11.14
N GLY A 7 -1.85 -4.44 -10.63
CA GLY A 7 -2.93 -4.87 -9.78
C GLY A 7 -2.52 -5.07 -8.35
N VAL A 8 -1.22 -5.11 -8.10
CA VAL A 8 -0.72 -5.31 -6.77
C VAL A 8 -0.68 -3.97 -6.06
N CYS A 9 -1.62 -3.78 -5.19
CA CYS A 9 -1.72 -2.57 -4.44
C CYS A 9 -0.99 -2.73 -3.14
N ARG A 10 -0.09 -1.82 -2.89
CA ARG A 10 0.72 -1.85 -1.72
C ARG A 10 0.67 -0.51 -1.04
N CYS A 11 0.37 -0.54 0.21
CA CYS A 11 0.38 0.62 1.03
C CYS A 11 1.57 0.50 1.96
N VAL A 12 2.42 1.49 1.98
CA VAL A 12 3.51 1.51 2.92
C VAL A 12 2.94 2.05 4.21
N CYS A 13 2.59 1.16 5.08
CA CYS A 13 1.94 1.48 6.30
C CYS A 13 2.92 1.58 7.43
N ARG A 14 2.50 2.23 8.46
CA ARG A 14 3.25 2.32 9.67
C ARG A 14 2.64 1.32 10.63
N ARG A 15 2.95 0.04 10.38
CA ARG A 15 2.50 -1.11 11.13
C ARG A 15 1.03 -1.01 11.56
N GLY A 16 0.17 -1.13 10.59
CA GLY A 16 -1.25 -1.07 10.88
C GLY A 16 -1.85 0.28 10.56
N VAL A 17 -1.02 1.30 10.52
CA VAL A 17 -1.52 2.63 10.24
C VAL A 17 -1.59 2.87 8.74
N CYS A 18 -2.68 2.44 8.20
CA CYS A 18 -3.14 2.70 6.85
C CYS A 18 -4.64 2.78 6.89
N ARG A 1 -2.32 5.49 1.99
CA ARG A 1 -1.97 5.71 0.61
C ARG A 1 -1.71 4.37 -0.06
N CYS A 2 -2.40 4.12 -1.16
CA CYS A 2 -2.26 2.87 -1.88
C CYS A 2 -1.43 3.09 -3.13
N VAL A 3 -0.58 2.15 -3.45
CA VAL A 3 0.29 2.26 -4.60
C VAL A 3 0.16 0.97 -5.39
N CYS A 4 0.19 1.05 -6.68
CA CYS A 4 0.02 -0.14 -7.47
C CYS A 4 1.26 -0.44 -8.27
N ARG A 5 1.57 -1.71 -8.35
CA ARG A 5 2.70 -2.17 -9.07
C ARG A 5 2.29 -3.28 -10.01
N ARG A 6 2.27 -2.93 -11.29
CA ARG A 6 2.04 -3.86 -12.39
C ARG A 6 0.75 -4.67 -12.18
N GLY A 7 -0.33 -3.96 -11.95
CA GLY A 7 -1.61 -4.59 -11.78
C GLY A 7 -1.95 -4.91 -10.34
N VAL A 8 -0.95 -5.05 -9.49
CA VAL A 8 -1.18 -5.41 -8.12
C VAL A 8 -1.14 -4.17 -7.23
N CYS A 9 -2.27 -3.82 -6.68
CA CYS A 9 -2.36 -2.69 -5.78
C CYS A 9 -2.04 -3.08 -4.36
N ARG A 10 -1.28 -2.24 -3.71
CA ARG A 10 -0.84 -2.47 -2.38
C ARG A 10 -1.11 -1.25 -1.52
N CYS A 11 -2.00 -1.37 -0.59
CA CYS A 11 -2.17 -0.33 0.36
C CYS A 11 -1.22 -0.59 1.48
N VAL A 12 -0.28 0.28 1.59
CA VAL A 12 0.81 0.12 2.51
C VAL A 12 0.56 0.89 3.79
N CYS A 13 0.81 0.26 4.89
CA CYS A 13 0.63 0.83 6.16
C CYS A 13 1.98 0.80 6.87
N ARG A 14 2.10 1.54 7.92
CA ARG A 14 3.26 1.47 8.77
C ARG A 14 2.77 0.72 9.96
N ARG A 15 3.68 0.14 10.72
CA ARG A 15 3.36 -0.73 11.85
C ARG A 15 2.89 0.11 13.03
N GLY A 16 1.80 0.73 12.83
CA GLY A 16 1.17 1.54 13.81
C GLY A 16 0.41 2.70 13.21
N VAL A 17 0.64 2.98 11.93
CA VAL A 17 0.02 4.11 11.26
C VAL A 17 -0.26 3.73 9.81
N CYS A 18 -1.48 3.45 9.50
CA CYS A 18 -1.83 3.18 8.14
C CYS A 18 -2.42 4.43 7.53
N ARG A 1 -0.04 5.77 1.63
CA ARG A 1 0.00 5.69 0.18
C ARG A 1 -0.06 4.25 -0.25
N CYS A 2 -0.78 3.98 -1.30
CA CYS A 2 -0.82 2.69 -1.88
C CYS A 2 -0.23 2.80 -3.26
N VAL A 3 0.47 1.79 -3.67
CA VAL A 3 1.12 1.82 -4.96
C VAL A 3 0.55 0.70 -5.81
N CYS A 4 0.11 1.04 -6.98
CA CYS A 4 -0.41 0.07 -7.89
C CYS A 4 0.63 -0.31 -8.89
N ARG A 5 0.94 -1.56 -8.89
CA ARG A 5 1.90 -2.14 -9.77
C ARG A 5 1.29 -3.42 -10.30
N ARG A 6 1.28 -3.56 -11.61
CA ARG A 6 0.72 -4.74 -12.30
C ARG A 6 -0.79 -4.86 -11.98
N GLY A 7 -1.42 -3.71 -11.81
CA GLY A 7 -2.83 -3.65 -11.49
C GLY A 7 -3.15 -3.98 -10.03
N VAL A 8 -2.14 -4.31 -9.27
CA VAL A 8 -2.31 -4.65 -7.87
C VAL A 8 -1.85 -3.48 -7.01
N CYS A 9 -2.70 -3.03 -6.13
CA CYS A 9 -2.37 -1.89 -5.30
C CYS A 9 -2.08 -2.35 -3.88
N ARG A 10 -0.86 -2.16 -3.46
CA ARG A 10 -0.43 -2.54 -2.13
C ARG A 10 -0.18 -1.27 -1.33
N CYS A 11 -0.54 -1.28 -0.08
CA CYS A 11 -0.39 -0.12 0.74
C CYS A 11 0.78 -0.27 1.68
N VAL A 12 1.69 0.68 1.60
CA VAL A 12 2.81 0.71 2.50
C VAL A 12 2.30 1.25 3.83
N CYS A 13 2.55 0.55 4.88
CA CYS A 13 1.90 0.85 6.09
C CYS A 13 2.68 1.73 7.05
N ARG A 14 1.96 2.24 8.02
CA ARG A 14 2.47 3.08 9.07
C ARG A 14 2.18 2.41 10.38
N ARG A 15 2.87 2.83 11.43
CA ARG A 15 2.74 2.30 12.77
C ARG A 15 1.49 2.91 13.39
N GLY A 16 0.41 2.56 12.81
CA GLY A 16 -0.91 3.01 13.19
C GLY A 16 -1.95 2.47 12.24
N VAL A 17 -1.51 2.14 11.03
CA VAL A 17 -2.36 1.59 10.03
C VAL A 17 -1.54 0.64 9.16
N CYS A 18 -1.60 -0.61 9.48
CA CYS A 18 -0.87 -1.61 8.76
C CYS A 18 -1.72 -2.85 8.71
N ARG A 1 0.05 6.93 0.37
CA ARG A 1 0.92 6.81 -0.79
C ARG A 1 0.97 5.37 -1.26
N CYS A 2 -0.14 4.91 -1.75
CA CYS A 2 -0.30 3.55 -2.16
C CYS A 2 -0.20 3.47 -3.67
N VAL A 3 0.65 2.60 -4.14
CA VAL A 3 0.92 2.43 -5.55
C VAL A 3 0.40 1.08 -5.98
N CYS A 4 -0.46 1.05 -6.95
CA CYS A 4 -0.99 -0.19 -7.43
C CYS A 4 -0.51 -0.47 -8.82
N ARG A 5 -0.04 -1.66 -9.01
CA ARG A 5 0.44 -2.12 -10.28
C ARG A 5 -0.17 -3.47 -10.57
N ARG A 6 -1.11 -3.50 -11.51
CA ARG A 6 -1.78 -4.72 -11.97
C ARG A 6 -2.49 -5.42 -10.79
N GLY A 7 -3.08 -4.64 -9.93
CA GLY A 7 -3.78 -5.18 -8.81
C GLY A 7 -2.96 -5.26 -7.55
N VAL A 8 -1.66 -5.21 -7.68
CA VAL A 8 -0.78 -5.27 -6.54
C VAL A 8 -0.57 -3.88 -5.99
N CYS A 9 -1.20 -3.61 -4.87
CA CYS A 9 -1.06 -2.35 -4.22
C CYS A 9 0.00 -2.45 -3.15
N ARG A 10 0.98 -1.60 -3.26
CA ARG A 10 2.07 -1.57 -2.34
C ARG A 10 2.09 -0.17 -1.75
N CYS A 11 2.07 -0.08 -0.46
CA CYS A 11 1.92 1.19 0.18
C CYS A 11 2.69 1.19 1.47
N VAL A 12 3.36 2.26 1.73
CA VAL A 12 4.08 2.42 2.96
C VAL A 12 3.12 2.83 4.08
N CYS A 13 2.67 1.84 4.79
CA CYS A 13 1.72 2.03 5.84
C CYS A 13 2.39 1.87 7.18
N ARG A 14 1.62 2.04 8.24
CA ARG A 14 2.15 1.91 9.57
C ARG A 14 1.47 0.71 10.16
N ARG A 15 2.10 0.04 11.09
CA ARG A 15 1.55 -1.14 11.69
C ARG A 15 0.57 -0.72 12.77
N GLY A 16 -0.46 -0.15 12.29
CA GLY A 16 -1.54 0.38 13.04
C GLY A 16 -2.54 1.05 12.11
N VAL A 17 -2.03 1.53 10.97
CA VAL A 17 -2.84 2.11 9.95
C VAL A 17 -2.32 1.64 8.57
N CYS A 18 -2.83 0.53 8.16
CA CYS A 18 -2.45 -0.07 6.91
C CYS A 18 -3.69 -0.68 6.31
N ARG A 1 1.56 5.92 1.54
CA ARG A 1 1.00 6.08 0.20
C ARG A 1 0.69 4.68 -0.33
N CYS A 2 -0.07 4.59 -1.37
CA CYS A 2 -0.40 3.33 -1.95
C CYS A 2 -0.03 3.35 -3.41
N VAL A 3 0.40 2.23 -3.92
CA VAL A 3 0.78 2.15 -5.29
C VAL A 3 0.28 0.86 -5.91
N CYS A 4 -0.27 0.96 -7.09
CA CYS A 4 -0.70 -0.18 -7.83
C CYS A 4 0.24 -0.38 -8.98
N ARG A 5 0.72 -1.57 -9.11
CA ARG A 5 1.66 -1.91 -10.15
C ARG A 5 1.30 -3.30 -10.66
N ARG A 6 0.85 -3.35 -11.92
CA ARG A 6 0.43 -4.60 -12.60
C ARG A 6 -0.70 -5.31 -11.80
N GLY A 7 -1.58 -4.49 -11.26
CA GLY A 7 -2.70 -4.97 -10.54
C GLY A 7 -2.46 -5.06 -9.04
N VAL A 8 -1.20 -5.01 -8.64
CA VAL A 8 -0.84 -5.15 -7.25
C VAL A 8 -0.85 -3.80 -6.56
N CYS A 9 -1.89 -3.58 -5.79
CA CYS A 9 -2.03 -2.37 -5.02
C CYS A 9 -1.49 -2.61 -3.63
N ARG A 10 -0.37 -2.01 -3.37
CA ARG A 10 0.26 -2.13 -2.12
C ARG A 10 0.14 -0.81 -1.40
N CYS A 11 -0.77 -0.76 -0.47
CA CYS A 11 -0.93 0.39 0.34
C CYS A 11 -0.21 0.12 1.63
N VAL A 12 0.84 0.85 1.86
CA VAL A 12 1.64 0.64 3.04
C VAL A 12 1.00 1.37 4.22
N CYS A 13 1.03 0.74 5.35
CA CYS A 13 0.46 1.28 6.54
C CYS A 13 1.53 2.06 7.30
N ARG A 14 1.11 2.87 8.23
CA ARG A 14 2.02 3.64 9.01
C ARG A 14 2.32 2.89 10.27
N ARG A 15 3.35 2.07 10.19
CA ARG A 15 3.86 1.23 11.25
C ARG A 15 2.72 0.50 12.01
N GLY A 16 1.94 -0.24 11.26
CA GLY A 16 0.86 -1.02 11.84
C GLY A 16 -0.45 -0.27 11.90
N VAL A 17 -0.45 1.00 11.58
CA VAL A 17 -1.62 1.80 11.69
C VAL A 17 -2.06 2.28 10.31
N CYS A 18 -3.04 1.62 9.81
CA CYS A 18 -3.71 2.00 8.59
C CYS A 18 -5.19 1.65 8.72
N ARG A 1 1.43 7.14 -0.29
CA ARG A 1 0.61 6.81 -1.47
C ARG A 1 0.55 5.30 -1.62
N CYS A 2 -0.28 4.84 -2.52
CA CYS A 2 -0.39 3.45 -2.80
C CYS A 2 0.27 3.17 -4.12
N VAL A 3 1.15 2.21 -4.15
CA VAL A 3 1.87 1.90 -5.35
C VAL A 3 1.18 0.74 -6.01
N CYS A 4 0.53 1.01 -7.08
CA CYS A 4 -0.17 0.00 -7.80
C CYS A 4 0.70 -0.58 -8.85
N ARG A 5 0.81 -1.86 -8.82
CA ARG A 5 1.62 -2.59 -9.73
C ARG A 5 0.90 -3.87 -10.16
N ARG A 6 0.59 -3.94 -11.44
CA ARG A 6 -0.06 -5.09 -12.05
C ARG A 6 -1.34 -5.52 -11.28
N GLY A 7 -2.15 -4.53 -10.96
CA GLY A 7 -3.41 -4.79 -10.35
C GLY A 7 -3.40 -4.75 -8.84
N VAL A 8 -2.25 -4.76 -8.22
CA VAL A 8 -2.22 -4.73 -6.78
C VAL A 8 -1.72 -3.38 -6.27
N CYS A 9 -2.47 -2.77 -5.38
CA CYS A 9 -2.09 -1.50 -4.83
C CYS A 9 -1.51 -1.69 -3.44
N ARG A 10 -0.23 -1.43 -3.33
CA ARG A 10 0.45 -1.59 -2.07
C ARG A 10 0.53 -0.25 -1.41
N CYS A 11 -0.25 -0.07 -0.40
CA CYS A 11 -0.26 1.15 0.31
C CYS A 11 0.76 1.07 1.41
N VAL A 12 1.54 2.11 1.57
CA VAL A 12 2.51 2.14 2.62
C VAL A 12 1.78 2.37 3.91
N CYS A 13 1.50 1.29 4.55
CA CYS A 13 0.78 1.25 5.79
C CYS A 13 1.61 1.88 6.89
N ARG A 14 0.97 2.13 8.00
CA ARG A 14 1.63 2.82 9.08
C ARG A 14 1.75 1.88 10.25
N ARG A 15 2.59 2.23 11.20
CA ARG A 15 2.87 1.44 12.38
C ARG A 15 1.75 1.63 13.38
N GLY A 16 0.63 1.20 12.96
CA GLY A 16 -0.59 1.28 13.69
C GLY A 16 -1.75 0.86 12.83
N VAL A 17 -1.59 0.99 11.53
CA VAL A 17 -2.58 0.59 10.59
C VAL A 17 -1.90 -0.05 9.37
N CYS A 18 -1.65 -1.32 9.51
CA CYS A 18 -1.05 -2.12 8.50
C CYS A 18 -1.56 -3.49 8.72
N ARG A 1 0.38 6.55 0.90
CA ARG A 1 -0.32 6.33 -0.36
C ARG A 1 -0.23 4.85 -0.69
N CYS A 2 -0.99 4.43 -1.67
CA CYS A 2 -0.99 3.06 -2.11
C CYS A 2 -0.36 2.98 -3.48
N VAL A 3 0.56 2.08 -3.63
CA VAL A 3 1.28 1.92 -4.86
C VAL A 3 0.71 0.73 -5.58
N CYS A 4 0.37 0.91 -6.82
CA CYS A 4 -0.17 -0.16 -7.58
C CYS A 4 0.75 -0.50 -8.72
N ARG A 5 0.97 -1.77 -8.90
CA ARG A 5 1.83 -2.26 -9.93
C ARG A 5 1.28 -3.57 -10.45
N ARG A 6 1.17 -3.67 -11.76
CA ARG A 6 0.75 -4.90 -12.46
C ARG A 6 -0.67 -5.34 -12.05
N GLY A 7 -1.45 -4.38 -11.65
CA GLY A 7 -2.80 -4.64 -11.27
C GLY A 7 -2.99 -4.90 -9.79
N VAL A 8 -1.91 -5.00 -9.04
CA VAL A 8 -2.02 -5.25 -7.61
C VAL A 8 -1.57 -4.00 -6.83
N CYS A 9 -2.26 -3.68 -5.78
CA CYS A 9 -1.95 -2.51 -4.98
C CYS A 9 -1.43 -2.89 -3.61
N ARG A 10 -0.55 -2.08 -3.08
CA ARG A 10 -0.02 -2.28 -1.76
C ARG A 10 0.04 -0.91 -1.09
N CYS A 11 -0.51 -0.81 0.08
CA CYS A 11 -0.51 0.43 0.78
C CYS A 11 0.55 0.42 1.85
N VAL A 12 1.43 1.40 1.78
CA VAL A 12 2.45 1.55 2.78
C VAL A 12 1.74 2.11 4.01
N CYS A 13 2.01 1.57 5.14
CA CYS A 13 1.30 1.95 6.30
C CYS A 13 2.25 2.43 7.37
N ARG A 14 1.69 2.89 8.44
CA ARG A 14 2.42 3.44 9.55
C ARG A 14 2.37 2.44 10.67
N ARG A 15 3.43 1.64 10.81
CA ARG A 15 3.56 0.62 11.84
C ARG A 15 2.36 -0.38 11.81
N GLY A 16 1.81 -0.55 10.62
CA GLY A 16 0.69 -1.45 10.41
C GLY A 16 -0.62 -0.93 10.99
N VAL A 17 -0.73 0.36 11.20
CA VAL A 17 -1.94 0.94 11.74
C VAL A 17 -2.29 2.24 11.01
N CYS A 18 -3.16 2.13 10.06
CA CYS A 18 -3.59 3.26 9.28
C CYS A 18 -5.09 3.38 9.32
N ARG A 1 -1.13 6.84 0.15
CA ARG A 1 -0.56 6.77 -1.17
C ARG A 1 -0.35 5.30 -1.55
N CYS A 2 -1.37 4.72 -2.10
CA CYS A 2 -1.32 3.36 -2.54
C CYS A 2 -0.93 3.33 -4.00
N VAL A 3 0.14 2.64 -4.31
CA VAL A 3 0.63 2.58 -5.66
C VAL A 3 0.27 1.24 -6.21
N CYS A 4 -0.46 1.21 -7.30
CA CYS A 4 -0.86 -0.04 -7.87
C CYS A 4 -0.19 -0.24 -9.19
N ARG A 5 0.37 -1.38 -9.34
CA ARG A 5 1.03 -1.77 -10.55
C ARG A 5 0.83 -3.24 -10.78
N ARG A 6 0.19 -3.57 -11.90
CA ARG A 6 -0.02 -4.94 -12.36
C ARG A 6 -0.84 -5.73 -11.32
N GLY A 7 -1.81 -5.04 -10.73
CA GLY A 7 -2.68 -5.64 -9.75
C GLY A 7 -2.14 -5.52 -8.34
N VAL A 8 -0.90 -5.13 -8.20
CA VAL A 8 -0.28 -5.03 -6.90
C VAL A 8 -0.45 -3.62 -6.36
N CYS A 9 -1.38 -3.46 -5.45
CA CYS A 9 -1.58 -2.21 -4.78
C CYS A 9 -0.84 -2.20 -3.48
N ARG A 10 0.19 -1.38 -3.40
CA ARG A 10 0.95 -1.32 -2.19
C ARG A 10 0.64 -0.05 -1.45
N CYS A 11 0.03 -0.20 -0.33
CA CYS A 11 -0.16 0.88 0.57
C CYS A 11 0.85 0.62 1.67
N VAL A 12 1.83 1.47 1.80
CA VAL A 12 2.87 1.24 2.77
C VAL A 12 2.36 1.52 4.19
N CYS A 13 1.88 0.48 4.80
CA CYS A 13 1.36 0.54 6.12
C CYS A 13 2.44 0.33 7.13
N ARG A 14 2.16 0.71 8.32
CA ARG A 14 3.03 0.56 9.45
C ARG A 14 2.19 -0.01 10.56
N ARG A 15 2.82 -0.41 11.64
CA ARG A 15 2.21 -1.10 12.76
C ARG A 15 1.37 -0.13 13.61
N GLY A 16 0.40 0.40 12.97
CA GLY A 16 -0.53 1.32 13.56
C GLY A 16 -1.07 2.25 12.52
N VAL A 17 -0.36 2.38 11.42
CA VAL A 17 -0.74 3.29 10.36
C VAL A 17 -1.16 2.50 9.13
N CYS A 18 -2.42 2.11 9.13
CA CYS A 18 -3.00 1.40 8.01
C CYS A 18 -4.50 1.53 8.12
N ARG A 1 -1.03 6.08 1.95
CA ARG A 1 -0.38 6.13 0.64
C ARG A 1 -0.29 4.71 0.10
N CYS A 2 -1.06 4.41 -0.90
CA CYS A 2 -1.06 3.07 -1.43
C CYS A 2 -0.48 3.08 -2.85
N VAL A 3 0.18 1.99 -3.26
CA VAL A 3 0.86 1.93 -4.54
C VAL A 3 0.38 0.72 -5.33
N CYS A 4 0.12 0.90 -6.59
CA CYS A 4 -0.32 -0.16 -7.44
C CYS A 4 0.58 -0.29 -8.64
N ARG A 5 0.98 -1.48 -8.91
CA ARG A 5 1.78 -1.79 -10.07
C ARG A 5 1.37 -3.16 -10.56
N ARG A 6 1.13 -3.28 -11.87
CA ARG A 6 0.72 -4.54 -12.50
C ARG A 6 -0.62 -5.01 -11.91
N GLY A 7 -1.41 -4.05 -11.52
CA GLY A 7 -2.67 -4.33 -10.91
C GLY A 7 -2.57 -4.77 -9.47
N VAL A 8 -1.35 -4.87 -8.96
CA VAL A 8 -1.12 -5.27 -7.59
C VAL A 8 -1.03 -4.04 -6.73
N CYS A 9 -2.03 -3.81 -5.96
CA CYS A 9 -2.06 -2.71 -5.06
C CYS A 9 -1.63 -3.15 -3.69
N ARG A 10 -0.70 -2.44 -3.13
CA ARG A 10 -0.27 -2.69 -1.80
C ARG A 10 -0.22 -1.36 -1.14
N CYS A 11 -0.66 -1.26 0.05
CA CYS A 11 -0.63 -0.02 0.68
C CYS A 11 0.53 0.04 1.62
N VAL A 12 1.20 1.15 1.64
CA VAL A 12 2.35 1.32 2.49
C VAL A 12 1.84 1.76 3.85
N CYS A 13 1.62 0.81 4.70
CA CYS A 13 1.10 1.07 6.01
C CYS A 13 2.22 1.58 6.91
N ARG A 14 1.85 2.30 7.92
CA ARG A 14 2.81 2.91 8.82
C ARG A 14 2.75 2.26 10.18
N ARG A 15 3.26 1.03 10.25
CA ARG A 15 3.37 0.20 11.45
C ARG A 15 2.14 0.34 12.38
N GLY A 16 1.04 -0.15 11.91
CA GLY A 16 -0.19 -0.09 12.65
C GLY A 16 -1.10 1.00 12.12
N VAL A 17 -0.54 1.95 11.42
CA VAL A 17 -1.30 3.04 10.90
C VAL A 17 -1.43 2.87 9.41
N CYS A 18 -2.38 2.06 9.01
CA CYS A 18 -2.63 1.84 7.62
C CYS A 18 -3.99 2.43 7.32
N ARG A 1 0.18 5.73 1.12
CA ARG A 1 1.17 5.57 0.05
C ARG A 1 1.12 4.14 -0.45
N CYS A 2 0.37 3.92 -1.49
CA CYS A 2 0.20 2.61 -2.07
C CYS A 2 0.73 2.65 -3.51
N VAL A 3 1.29 1.57 -3.98
CA VAL A 3 1.79 1.50 -5.34
C VAL A 3 1.03 0.45 -6.12
N CYS A 4 0.49 0.82 -7.25
CA CYS A 4 -0.22 -0.11 -8.09
C CYS A 4 0.40 -0.15 -9.45
N ARG A 5 0.56 -1.34 -9.94
CA ARG A 5 1.05 -1.57 -11.27
C ARG A 5 0.21 -2.66 -11.88
N ARG A 6 -0.60 -2.29 -12.85
CA ARG A 6 -1.47 -3.22 -13.60
C ARG A 6 -2.48 -3.90 -12.65
N GLY A 7 -2.88 -3.16 -11.65
CA GLY A 7 -3.83 -3.65 -10.70
C GLY A 7 -3.17 -4.30 -9.50
N VAL A 8 -1.89 -4.56 -9.58
CA VAL A 8 -1.16 -5.12 -8.46
C VAL A 8 -0.80 -4.00 -7.51
N CYS A 9 -1.48 -3.93 -6.41
CA CYS A 9 -1.25 -2.87 -5.46
C CYS A 9 -0.55 -3.38 -4.23
N ARG A 10 0.48 -2.70 -3.86
CA ARG A 10 1.19 -2.95 -2.65
C ARG A 10 1.10 -1.70 -1.82
N CYS A 11 0.64 -1.81 -0.62
CA CYS A 11 0.54 -0.65 0.21
C CYS A 11 1.14 -0.96 1.56
N VAL A 12 1.81 0.01 2.10
CA VAL A 12 2.49 -0.15 3.38
C VAL A 12 1.54 0.32 4.49
N CYS A 13 1.63 -0.30 5.65
CA CYS A 13 0.82 0.09 6.78
C CYS A 13 1.28 1.42 7.30
N ARG A 14 0.47 2.03 8.10
CA ARG A 14 0.78 3.36 8.57
C ARG A 14 1.07 3.29 10.03
N ARG A 15 1.70 4.33 10.55
CA ARG A 15 2.19 4.38 11.92
C ARG A 15 1.04 4.69 12.87
N GLY A 16 0.07 3.85 12.79
CA GLY A 16 -1.13 3.96 13.56
C GLY A 16 -2.07 2.82 13.21
N VAL A 17 -1.93 2.27 12.01
CA VAL A 17 -2.72 1.15 11.59
C VAL A 17 -1.83 0.13 10.87
N CYS A 18 -1.24 -0.72 11.65
CA CYS A 18 -0.35 -1.73 11.17
C CYS A 18 -0.49 -2.92 12.09
N ARG A 1 0.23 6.20 1.35
CA ARG A 1 0.72 5.82 0.01
C ARG A 1 0.52 4.35 -0.26
N CYS A 2 -0.28 4.07 -1.25
CA CYS A 2 -0.46 2.75 -1.76
C CYS A 2 -0.31 2.82 -3.25
N VAL A 3 0.62 2.07 -3.76
CA VAL A 3 0.90 2.08 -5.16
C VAL A 3 0.26 0.88 -5.80
N CYS A 4 -0.78 1.10 -6.56
CA CYS A 4 -1.43 0.03 -7.27
C CYS A 4 -1.14 0.16 -8.72
N ARG A 5 -0.52 -0.82 -9.24
CA ARG A 5 -0.15 -0.88 -10.63
C ARG A 5 -0.37 -2.25 -11.17
N ARG A 6 -1.34 -2.35 -12.06
CA ARG A 6 -1.66 -3.56 -12.81
C ARG A 6 -1.93 -4.74 -11.85
N GLY A 7 -2.66 -4.44 -10.80
CA GLY A 7 -3.03 -5.43 -9.85
C GLY A 7 -2.22 -5.37 -8.58
N VAL A 8 -0.99 -4.89 -8.68
CA VAL A 8 -0.11 -4.87 -7.53
C VAL A 8 -0.37 -3.65 -6.68
N CYS A 9 -1.02 -3.83 -5.55
CA CYS A 9 -1.23 -2.77 -4.59
C CYS A 9 -0.25 -2.90 -3.45
N ARG A 10 0.68 -1.99 -3.40
CA ARG A 10 1.68 -2.00 -2.36
C ARG A 10 1.45 -0.82 -1.42
N CYS A 11 1.03 -1.12 -0.22
CA CYS A 11 0.83 -0.13 0.81
C CYS A 11 1.98 -0.15 1.80
N VAL A 12 2.33 0.99 2.31
CA VAL A 12 3.36 1.12 3.30
C VAL A 12 2.70 1.07 4.68
N CYS A 13 2.81 -0.04 5.34
CA CYS A 13 2.19 -0.20 6.62
C CYS A 13 2.99 0.48 7.69
N ARG A 14 2.28 0.90 8.67
CA ARG A 14 2.74 1.67 9.78
C ARG A 14 1.79 1.35 10.91
N ARG A 15 2.19 1.69 12.12
CA ARG A 15 1.45 1.40 13.34
C ARG A 15 0.29 2.37 13.48
N GLY A 16 -0.59 2.25 12.55
CA GLY A 16 -1.79 3.02 12.49
C GLY A 16 -2.39 3.02 11.11
N VAL A 17 -1.61 2.67 10.10
CA VAL A 17 -2.09 2.66 8.73
C VAL A 17 -1.45 1.51 7.98
N CYS A 18 -2.21 0.52 7.71
CA CYS A 18 -1.76 -0.62 6.94
C CYS A 18 -2.87 -1.01 5.99
#